data_1ZRC
#
_entry.id   1ZRC
#
_cell.length_a   61.550
_cell.length_b   75.552
_cell.length_c   180.898
_cell.angle_alpha   90.00
_cell.angle_beta   90.00
_cell.angle_gamma   90.00
#
_symmetry.space_group_name_H-M   'P 21 21 21'
#
loop_
_entity.id
_entity.type
_entity.pdbx_description
1 polymer "5'-D(*AP*TP*TP*TP*CP*GP*AP*AP*AP*AP*AP*TP*GP*TP*GP*AP*T)-3'"
2 polymer "5'-D(*CP*TP*AP*GP*AP*TP*CP*AP*CP*AP*TP*TP*TP*TP*TP*CP*GP*AP*AP*AP*T)-3'"
3 polymer 'Catabolite gene activator'
4 non-polymer "ADENOSINE-3',5'-CYCLIC-MONOPHOSPHATE"
5 water water
#
loop_
_entity_poly.entity_id
_entity_poly.type
_entity_poly.pdbx_seq_one_letter_code
_entity_poly.pdbx_strand_id
1 'polydeoxyribonucleotide' (DA)(DT)(DT)(DT)(DC)(DG)(DA)(DA)(DA)(DA)(DA)(DT)(DG)(DT)(DG)(DA)(DT) W,Y
2 'polydeoxyribonucleotide'
;(DC)(DT)(DA)(DG)(DA)(DT)(DC)(DA)(DC)(DA)(DT)(DT)(DT)(DT)(DT)(DC)(DG)(DA)(DA)(DA)
(DT)
;
X,Z
3 'polypeptide(L)'
;VLGKPQTDPTLEWFLSHCHIHKYPSKSTLIHQGEKAETLYYIVKGSVAVLIKDEEGKEMILSYLNQGDFIGELGLFEEGQ
ERSAWVRAKTACEVAEISYKKFRQLIQVNPDILMRLSAQMARRLQVTSEKVGNLAFLDVTGRIAQTLLNLAKQPDAMTHP
DGMQIKITRQEIGQIVGCSRETVGRILKMLEDQNLISAHGKTIVVYGTR
;
A,B
#
# COMPACT_ATOMS: atom_id res chain seq x y z
N ASP E 8 -1.91 -27.60 6.23
CA ASP E 8 -1.27 -28.23 5.03
C ASP E 8 0.23 -28.51 5.23
N PRO E 9 0.74 -29.55 4.57
CA PRO E 9 2.14 -29.97 4.63
C PRO E 9 3.20 -28.87 4.59
N THR E 10 2.88 -27.73 3.98
CA THR E 10 3.88 -26.65 3.91
C THR E 10 3.82 -25.69 5.08
N LEU E 11 2.67 -25.06 5.31
CA LEU E 11 2.58 -24.15 6.44
C LEU E 11 2.47 -25.03 7.67
N GLU E 12 3.40 -25.97 7.75
CA GLU E 12 3.48 -26.92 8.85
C GLU E 12 4.95 -27.30 9.03
N TRP E 13 5.61 -27.50 7.90
CA TRP E 13 7.02 -27.82 7.90
C TRP E 13 7.68 -26.47 8.09
N PHE E 14 6.87 -25.41 7.93
CA PHE E 14 7.33 -24.05 8.08
C PHE E 14 7.36 -23.70 9.56
N LEU E 15 6.23 -23.87 10.24
CA LEU E 15 6.19 -23.58 11.66
C LEU E 15 7.24 -24.40 12.40
N SER E 16 7.65 -25.51 11.78
CA SER E 16 8.65 -26.39 12.38
C SER E 16 9.96 -25.65 12.52
N HIS E 17 10.30 -24.82 11.55
CA HIS E 17 11.54 -24.06 11.62
C HIS E 17 11.30 -22.69 12.21
N CYS E 18 10.23 -22.57 12.99
CA CYS E 18 9.90 -21.28 13.61
C CYS E 18 9.91 -21.39 15.12
N HIS E 19 10.33 -20.32 15.79
CA HIS E 19 10.37 -20.26 17.23
C HIS E 19 9.04 -19.60 17.58
N ILE E 20 8.19 -20.29 18.33
CA ILE E 20 6.89 -19.71 18.68
C ILE E 20 6.92 -18.86 19.95
N HIS E 21 6.24 -17.72 19.92
CA HIS E 21 6.18 -16.79 21.06
C HIS E 21 4.75 -16.35 21.32
N LYS E 22 4.48 -15.92 22.55
CA LYS E 22 3.14 -15.48 22.90
C LYS E 22 3.18 -14.05 23.41
N TYR E 23 2.34 -13.19 22.86
CA TYR E 23 2.25 -11.79 23.30
C TYR E 23 0.90 -11.55 23.95
N PRO E 24 0.88 -10.86 25.07
CA PRO E 24 -0.43 -10.63 25.68
C PRO E 24 -1.12 -9.48 24.94
N SER E 25 -2.42 -9.36 25.12
CA SER E 25 -3.16 -8.28 24.49
C SER E 25 -2.51 -6.91 24.76
N LYS E 26 -2.66 -5.99 23.80
CA LYS E 26 -2.13 -4.62 23.89
C LYS E 26 -0.62 -4.48 23.91
N SER E 27 0.10 -5.58 23.95
CA SER E 27 1.56 -5.54 23.98
C SER E 27 2.07 -5.22 22.59
N THR E 28 3.32 -4.77 22.50
CA THR E 28 3.93 -4.41 21.22
C THR E 28 4.84 -5.48 20.63
N LEU E 29 4.59 -5.85 19.39
CA LEU E 29 5.40 -6.87 18.72
C LEU E 29 6.47 -6.31 17.80
N ILE E 30 6.25 -5.11 17.26
CA ILE E 30 7.20 -4.53 16.34
C ILE E 30 7.31 -3.01 16.42
N HIS E 31 8.47 -2.52 16.85
CA HIS E 31 8.75 -1.08 16.99
C HIS E 31 9.17 -0.44 15.68
N GLN E 32 8.36 0.47 15.18
CA GLN E 32 8.65 1.19 13.93
C GLN E 32 10.02 1.82 14.02
N GLY E 33 10.83 1.66 12.99
CA GLY E 33 12.15 2.24 13.01
C GLY E 33 13.27 1.27 13.40
N GLU E 34 12.93 0.21 14.12
CA GLU E 34 13.97 -0.73 14.49
C GLU E 34 14.42 -1.56 13.29
N LYS E 35 15.62 -2.10 13.39
CA LYS E 35 16.17 -2.93 12.33
C LYS E 35 15.27 -4.13 12.09
N ALA E 36 15.04 -4.47 10.82
CA ALA E 36 14.19 -5.60 10.50
C ALA E 36 15.06 -6.82 10.17
N GLU E 37 14.85 -7.92 10.86
CA GLU E 37 15.64 -9.13 10.60
C GLU E 37 14.84 -10.40 10.92
N THR E 38 13.67 -10.21 11.53
CA THR E 38 12.81 -11.32 11.89
C THR E 38 11.53 -11.22 11.07
N LEU E 39 10.91 -12.38 10.84
CA LEU E 39 9.66 -12.49 10.09
C LEU E 39 8.62 -13.17 10.98
N TYR E 40 7.39 -12.64 10.99
CA TYR E 40 6.32 -13.22 11.82
C TYR E 40 5.19 -13.84 11.03
N TYR E 41 4.46 -14.76 11.68
CA TYR E 41 3.30 -15.45 11.11
C TYR E 41 2.37 -15.65 12.30
N ILE E 42 1.13 -15.16 12.22
CA ILE E 42 0.20 -15.29 13.35
C ILE E 42 -0.59 -16.61 13.48
N VAL E 43 -0.10 -17.52 14.33
CA VAL E 43 -0.78 -18.78 14.52
C VAL E 43 -2.12 -18.60 15.22
N LYS E 44 -2.24 -17.56 16.05
CA LYS E 44 -3.51 -17.30 16.72
C LYS E 44 -3.60 -15.94 17.39
N GLY E 45 -4.75 -15.29 17.25
CA GLY E 45 -4.97 -13.98 17.82
C GLY E 45 -5.00 -12.94 16.71
N SER E 46 -5.00 -11.67 17.05
CA SER E 46 -5.02 -10.66 16.00
C SER E 46 -4.20 -9.42 16.37
N VAL E 47 -3.62 -8.76 15.37
CA VAL E 47 -2.82 -7.58 15.64
C VAL E 47 -3.32 -6.35 14.88
N ALA E 48 -2.73 -5.20 15.20
CA ALA E 48 -3.05 -3.93 14.57
C ALA E 48 -1.75 -3.30 14.06
N VAL E 49 -1.70 -2.98 12.77
CA VAL E 49 -0.54 -2.36 12.14
C VAL E 49 -0.79 -0.85 12.10
N LEU E 50 -0.04 -0.07 12.87
CA LEU E 50 -0.26 1.37 12.84
C LEU E 50 0.98 2.23 12.74
N ILE E 51 0.79 3.46 12.28
CA ILE E 51 1.89 4.40 12.13
C ILE E 51 1.57 5.66 12.92
N LYS E 52 2.62 6.24 13.52
CA LYS E 52 2.49 7.45 14.35
C LYS E 52 3.13 8.66 13.66
N ASP E 53 2.75 9.86 14.09
CA ASP E 53 3.36 11.08 13.56
C ASP E 53 4.22 11.67 14.70
N GLU E 54 4.99 12.71 14.40
CA GLU E 54 5.86 13.34 15.41
C GLU E 54 5.15 13.66 16.72
N GLU E 55 3.85 13.89 16.65
CA GLU E 55 3.06 14.23 17.82
C GLU E 55 2.51 13.04 18.59
N GLY E 56 2.53 11.87 17.96
CA GLY E 56 2.00 10.68 18.61
C GLY E 56 0.69 10.22 17.98
N LYS E 57 0.00 11.13 17.29
CA LYS E 57 -1.25 10.77 16.64
C LYS E 57 -1.07 9.44 15.92
N GLU E 58 -1.99 8.51 16.12
CA GLU E 58 -1.89 7.19 15.48
C GLU E 58 -2.88 7.01 14.33
N MET E 59 -2.43 6.33 13.29
CA MET E 59 -3.26 6.04 12.14
C MET E 59 -3.22 4.53 11.95
N ILE E 60 -4.38 3.89 11.86
CA ILE E 60 -4.39 2.45 11.69
C ILE E 60 -4.36 2.07 10.22
N LEU E 61 -3.34 1.33 9.83
CA LEU E 61 -3.22 0.90 8.45
C LEU E 61 -3.98 -0.37 8.19
N SER E 62 -4.09 -1.22 9.20
CA SER E 62 -4.78 -2.50 9.02
C SER E 62 -4.81 -3.35 10.27
N TYR E 63 -5.60 -4.41 10.19
CA TYR E 63 -5.69 -5.41 11.24
C TYR E 63 -5.17 -6.67 10.55
N LEU E 64 -4.45 -7.51 11.27
CA LEU E 64 -3.97 -8.75 10.66
C LEU E 64 -4.39 -9.85 11.61
N ASN E 65 -4.62 -11.05 11.07
CA ASN E 65 -5.07 -12.15 11.91
C ASN E 65 -4.43 -13.46 11.62
N GLN E 66 -4.95 -14.47 12.31
CA GLN E 66 -4.53 -15.86 12.20
C GLN E 66 -4.30 -16.12 10.73
N GLY E 67 -3.12 -16.61 10.39
CA GLY E 67 -2.80 -16.87 9.00
C GLY E 67 -1.97 -15.80 8.33
N ASP E 68 -2.11 -14.55 8.77
CA ASP E 68 -1.35 -13.44 8.19
C ASP E 68 0.12 -13.31 8.61
N PHE E 69 0.97 -12.91 7.67
CA PHE E 69 2.38 -12.70 7.97
C PHE E 69 2.60 -11.28 8.47
N ILE E 70 3.67 -11.07 9.24
CA ILE E 70 4.00 -9.73 9.70
C ILE E 70 5.50 -9.53 9.59
N GLY E 71 5.92 -8.33 9.20
CA GLY E 71 7.33 -8.01 9.10
C GLY E 71 8.00 -8.57 7.86
N GLU E 72 7.28 -8.64 6.75
CA GLU E 72 7.86 -9.16 5.52
C GLU E 72 8.56 -8.05 4.79
N LEU E 73 8.04 -6.84 4.92
CA LEU E 73 8.61 -5.72 4.22
C LEU E 73 10.10 -5.47 4.42
N GLY E 74 10.72 -6.18 5.36
CA GLY E 74 12.13 -5.98 5.59
C GLY E 74 13.01 -7.08 5.00
N LEU E 75 12.41 -8.24 4.77
CA LEU E 75 13.09 -9.39 4.21
C LEU E 75 13.64 -9.23 2.80
N PHE E 76 13.18 -8.24 2.05
CA PHE E 76 13.64 -8.14 0.68
C PHE E 76 14.87 -7.33 0.35
N GLU E 77 15.50 -6.74 1.35
CA GLU E 77 16.70 -5.94 1.14
C GLU E 77 17.29 -5.43 2.43
N GLU E 78 18.61 -5.50 2.49
CA GLU E 78 19.35 -5.06 3.67
C GLU E 78 19.17 -3.57 3.96
N GLY E 79 19.30 -3.22 5.23
CA GLY E 79 19.20 -1.82 5.64
C GLY E 79 17.79 -1.32 5.89
N GLN E 80 16.82 -2.24 5.89
CA GLN E 80 15.43 -1.89 6.11
C GLN E 80 15.02 -1.80 7.57
N GLU E 81 14.28 -0.76 7.92
CA GLU E 81 13.83 -0.64 9.28
C GLU E 81 12.32 -0.84 9.24
N ARG E 82 11.75 -1.40 10.31
CA ARG E 82 10.31 -1.65 10.38
C ARG E 82 9.55 -0.43 9.93
N SER E 83 8.56 -0.63 9.07
CA SER E 83 7.75 0.46 8.53
C SER E 83 6.57 0.92 9.39
N ALA E 84 6.33 0.25 10.51
CA ALA E 84 5.20 0.59 11.38
C ALA E 84 5.22 -0.19 12.68
N TRP E 85 4.30 0.17 13.57
CA TRP E 85 4.18 -0.53 14.84
C TRP E 85 3.18 -1.63 14.62
N VAL E 86 3.24 -2.68 15.44
CA VAL E 86 2.27 -3.76 15.34
C VAL E 86 1.93 -4.16 16.76
N ARG E 87 0.78 -3.69 17.23
CA ARG E 87 0.35 -3.98 18.59
C ARG E 87 -0.75 -5.02 18.62
N ALA E 88 -0.63 -5.98 19.51
CA ALA E 88 -1.62 -7.06 19.60
C ALA E 88 -3.05 -6.61 19.96
N LYS E 89 -4.03 -7.02 19.16
CA LYS E 89 -5.43 -6.69 19.44
C LYS E 89 -5.93 -7.64 20.53
N THR E 90 -5.45 -8.88 20.49
CA THR E 90 -5.84 -9.90 21.45
C THR E 90 -4.58 -10.68 21.83
N ALA E 91 -4.66 -11.53 22.84
CA ALA E 91 -3.50 -12.33 23.19
C ALA E 91 -3.14 -13.02 21.88
N CYS E 92 -1.86 -13.09 21.53
CA CYS E 92 -1.47 -13.72 20.30
C CYS E 92 -0.47 -14.84 20.47
N GLU E 93 -0.43 -15.72 19.49
CA GLU E 93 0.51 -16.80 19.49
C GLU E 93 1.19 -16.53 18.15
N VAL E 94 2.46 -16.16 18.20
CA VAL E 94 3.15 -15.81 16.98
C VAL E 94 4.39 -16.63 16.68
N ALA E 95 4.43 -17.18 15.47
CA ALA E 95 5.56 -17.96 15.00
C ALA E 95 6.57 -16.92 14.50
N GLU E 96 7.84 -17.18 14.80
CA GLU E 96 8.93 -16.27 14.43
C GLU E 96 10.12 -17.05 13.87
N ILE E 97 10.82 -16.42 12.94
CA ILE E 97 11.98 -17.01 12.29
C ILE E 97 12.80 -15.86 11.73
N SER E 98 14.11 -16.06 11.57
CA SER E 98 14.97 -14.99 11.07
C SER E 98 14.88 -14.93 9.56
N TYR E 99 15.17 -13.77 9.00
CA TYR E 99 15.13 -13.65 7.56
C TYR E 99 16.07 -14.67 6.93
N LYS E 100 17.30 -14.71 7.43
CA LYS E 100 18.31 -15.62 6.91
C LYS E 100 17.82 -17.05 6.97
N LYS E 101 17.26 -17.44 8.11
CA LYS E 101 16.74 -18.78 8.30
C LYS E 101 15.52 -19.01 7.40
N PHE E 102 14.95 -17.92 6.86
CA PHE E 102 13.77 -17.99 5.98
C PHE E 102 14.14 -18.11 4.51
N ARG E 103 15.16 -17.38 4.07
CA ARG E 103 15.57 -17.45 2.69
C ARG E 103 16.11 -18.87 2.43
N GLN E 104 16.56 -19.54 3.50
CA GLN E 104 17.04 -20.90 3.40
C GLN E 104 15.87 -21.75 2.96
N LEU E 105 14.70 -21.42 3.51
CA LEU E 105 13.48 -22.15 3.20
C LEU E 105 12.95 -21.87 1.80
N ILE E 106 13.05 -20.63 1.34
CA ILE E 106 12.55 -20.36 0.00
C ILE E 106 13.29 -21.24 -0.99
N GLN E 107 14.61 -21.31 -0.80
CA GLN E 107 15.49 -22.11 -1.66
C GLN E 107 15.26 -23.61 -1.55
N VAL E 108 14.23 -24.03 -0.82
CA VAL E 108 13.95 -25.45 -0.68
C VAL E 108 12.45 -25.72 -0.65
N ASN E 109 11.71 -24.77 -1.21
CA ASN E 109 10.21 -24.78 -1.41
C ASN E 109 9.71 -23.35 -1.43
N PRO E 110 9.92 -22.62 -2.52
CA PRO E 110 9.51 -21.24 -2.75
C PRO E 110 8.01 -21.09 -2.67
N ASP E 111 7.31 -22.19 -2.42
CA ASP E 111 5.86 -22.08 -2.32
C ASP E 111 5.59 -21.25 -1.08
N ILE E 112 6.43 -21.45 -0.07
CA ILE E 112 6.30 -20.72 1.18
C ILE E 112 6.38 -19.24 0.84
N LEU E 113 7.05 -18.93 -0.27
CA LEU E 113 7.22 -17.55 -0.72
C LEU E 113 5.97 -17.02 -1.43
N MET E 114 5.40 -17.85 -2.29
CA MET E 114 4.19 -17.50 -3.03
C MET E 114 3.12 -17.12 -2.03
N ARG E 115 3.02 -17.91 -0.96
CA ARG E 115 2.01 -17.64 0.06
C ARG E 115 2.21 -16.27 0.69
N LEU E 116 3.45 -15.92 1.00
CA LEU E 116 3.75 -14.63 1.59
C LEU E 116 3.44 -13.56 0.56
N SER E 117 3.95 -13.76 -0.65
CA SER E 117 3.73 -12.80 -1.71
C SER E 117 2.24 -12.53 -1.97
N ALA E 118 1.44 -13.58 -2.04
CA ALA E 118 0.02 -13.39 -2.27
C ALA E 118 -0.49 -12.38 -1.25
N GLN E 119 -0.10 -12.59 0.00
CA GLN E 119 -0.50 -11.71 1.07
C GLN E 119 -0.03 -10.28 0.86
N MET E 120 1.06 -10.10 0.14
CA MET E 120 1.51 -8.75 -0.10
C MET E 120 0.58 -8.16 -1.15
N ALA E 121 0.41 -8.91 -2.24
CA ALA E 121 -0.45 -8.48 -3.31
C ALA E 121 -1.77 -7.95 -2.76
N ARG E 122 -2.29 -8.65 -1.77
CA ARG E 122 -3.55 -8.25 -1.16
C ARG E 122 -3.39 -6.93 -0.41
N ARG E 123 -2.40 -6.86 0.49
CA ARG E 123 -2.17 -5.66 1.27
C ARG E 123 -1.99 -4.43 0.41
N LEU E 124 -1.35 -4.61 -0.73
CA LEU E 124 -1.11 -3.50 -1.62
C LEU E 124 -2.45 -3.03 -2.15
N GLN E 125 -3.25 -3.96 -2.70
CA GLN E 125 -4.58 -3.62 -3.25
C GLN E 125 -5.33 -2.86 -2.18
N VAL E 126 -5.49 -3.54 -1.05
CA VAL E 126 -6.22 -2.96 0.05
C VAL E 126 -5.68 -1.59 0.44
N THR E 127 -4.37 -1.46 0.64
CA THR E 127 -3.86 -0.17 1.05
C THR E 127 -4.04 0.89 0.01
N SER E 128 -4.02 0.50 -1.25
CA SER E 128 -4.24 1.46 -2.31
C SER E 128 -5.69 1.90 -2.19
N GLU E 129 -6.57 0.95 -1.90
CA GLU E 129 -7.98 1.26 -1.73
C GLU E 129 -8.12 2.40 -0.71
N LYS E 130 -7.44 2.28 0.42
CA LYS E 130 -7.54 3.32 1.45
C LYS E 130 -7.11 4.66 0.90
N VAL E 131 -6.08 4.67 0.06
CA VAL E 131 -5.61 5.94 -0.49
C VAL E 131 -6.72 6.65 -1.22
N GLY E 132 -7.49 5.89 -1.99
CA GLY E 132 -8.59 6.46 -2.72
C GLY E 132 -9.63 6.96 -1.75
N ASN E 133 -10.04 6.11 -0.81
CA ASN E 133 -11.03 6.52 0.17
C ASN E 133 -10.66 7.87 0.77
N LEU E 134 -9.42 7.96 1.26
CA LEU E 134 -8.96 9.19 1.87
C LEU E 134 -9.04 10.36 0.89
N ALA E 135 -8.72 10.09 -0.36
CA ALA E 135 -8.73 11.12 -1.39
C ALA E 135 -10.07 11.51 -1.98
N PHE E 136 -11.00 10.56 -2.14
CA PHE E 136 -12.28 10.87 -2.76
C PHE E 136 -13.52 10.95 -1.88
N LEU E 137 -13.53 10.20 -0.78
CA LEU E 137 -14.71 10.22 0.11
C LEU E 137 -14.60 11.20 1.25
N ASP E 138 -15.75 11.78 1.62
CA ASP E 138 -15.77 12.70 2.74
C ASP E 138 -15.73 11.80 3.98
N VAL E 139 -15.73 12.40 5.17
CA VAL E 139 -15.67 11.57 6.36
C VAL E 139 -16.81 10.57 6.47
N THR E 140 -18.05 11.05 6.30
CA THR E 140 -19.19 10.16 6.40
C THR E 140 -18.97 8.94 5.51
N GLY E 141 -18.56 9.17 4.28
CA GLY E 141 -18.32 8.03 3.41
C GLY E 141 -17.27 7.08 3.94
N ARG E 142 -16.16 7.64 4.41
CA ARG E 142 -15.09 6.82 4.94
C ARG E 142 -15.59 6.06 6.17
N ILE E 143 -16.26 6.74 7.09
CA ILE E 143 -16.79 6.05 8.26
C ILE E 143 -17.77 4.93 7.86
N ALA E 144 -18.73 5.26 7.01
CA ALA E 144 -19.71 4.28 6.53
C ALA E 144 -18.95 3.05 6.04
N GLN E 145 -18.01 3.32 5.15
CA GLN E 145 -17.13 2.34 4.57
C GLN E 145 -16.40 1.49 5.63
N THR E 146 -15.79 2.15 6.62
CA THR E 146 -15.06 1.43 7.65
C THR E 146 -15.97 0.52 8.48
N LEU E 147 -17.16 1.01 8.83
CA LEU E 147 -18.09 0.19 9.60
C LEU E 147 -18.40 -1.09 8.81
N LEU E 148 -18.68 -0.94 7.51
CA LEU E 148 -19.00 -2.06 6.64
C LEU E 148 -17.84 -3.08 6.63
N ASN E 149 -16.61 -2.57 6.57
CA ASN E 149 -15.44 -3.43 6.59
C ASN E 149 -15.41 -4.10 7.97
N LEU E 150 -15.25 -3.28 9.02
CA LEU E 150 -15.18 -3.79 10.39
C LEU E 150 -16.17 -4.88 10.66
N ALA E 151 -17.33 -4.79 10.01
CA ALA E 151 -18.37 -5.77 10.18
C ALA E 151 -17.97 -7.10 9.56
N LYS E 152 -17.04 -7.05 8.62
CA LYS E 152 -16.56 -8.25 7.91
C LYS E 152 -15.41 -8.93 8.65
N GLN E 153 -14.66 -8.18 9.45
CA GLN E 153 -13.55 -8.76 10.21
C GLN E 153 -14.03 -9.98 11.00
N PRO E 154 -13.14 -10.97 11.20
CA PRO E 154 -13.46 -12.19 11.94
C PRO E 154 -13.86 -12.00 13.40
N ASP E 155 -13.37 -10.93 14.02
CA ASP E 155 -13.68 -10.67 15.42
C ASP E 155 -15.09 -10.04 15.58
N ALA E 156 -15.85 -10.04 14.49
CA ALA E 156 -17.19 -9.49 14.52
C ALA E 156 -18.19 -10.55 14.90
N MET E 157 -19.09 -10.23 15.82
CA MET E 157 -20.11 -11.19 16.25
C MET E 157 -21.31 -11.03 15.37
N THR E 158 -22.16 -12.04 15.34
CA THR E 158 -23.37 -11.98 14.54
C THR E 158 -24.52 -11.58 15.44
N HIS E 159 -25.32 -10.65 14.97
CA HIS E 159 -26.44 -10.11 15.73
C HIS E 159 -27.72 -10.42 14.98
N PRO E 160 -28.86 -10.43 15.68
CA PRO E 160 -30.11 -10.72 14.99
C PRO E 160 -30.45 -9.73 13.87
N ASP E 161 -30.11 -8.47 14.04
CA ASP E 161 -30.44 -7.47 13.03
C ASP E 161 -29.27 -7.17 12.07
N GLY E 162 -28.18 -7.92 12.22
CA GLY E 162 -27.02 -7.72 11.36
C GLY E 162 -25.74 -8.24 11.98
N MET E 163 -24.66 -7.46 11.86
CA MET E 163 -23.37 -7.85 12.42
C MET E 163 -23.02 -6.88 13.55
N GLN E 164 -22.56 -7.42 14.69
CA GLN E 164 -22.25 -6.59 15.85
C GLN E 164 -20.75 -6.38 16.02
N ILE E 165 -20.34 -5.15 16.32
CA ILE E 165 -18.91 -4.89 16.51
C ILE E 165 -18.57 -4.03 17.71
N LYS E 166 -17.32 -4.09 18.14
CA LYS E 166 -16.85 -3.30 19.27
C LYS E 166 -15.68 -2.46 18.82
N ILE E 167 -15.79 -1.16 18.99
CA ILE E 167 -14.73 -0.26 18.62
C ILE E 167 -15.12 1.08 19.21
N THR E 168 -14.12 1.92 19.47
CA THR E 168 -14.36 3.23 20.04
C THR E 168 -14.35 4.24 18.93
N ARG E 169 -14.89 5.42 19.19
CA ARG E 169 -14.89 6.44 18.15
C ARG E 169 -13.45 6.80 17.91
N GLN E 170 -12.68 6.79 18.99
CA GLN E 170 -11.28 7.12 18.93
C GLN E 170 -10.62 6.23 17.89
N GLU E 171 -10.86 4.93 18.02
CA GLU E 171 -10.26 4.02 17.08
C GLU E 171 -10.74 4.23 15.65
N ILE E 172 -12.06 4.37 15.46
CA ILE E 172 -12.59 4.61 14.12
C ILE E 172 -11.89 5.84 13.58
N GLY E 173 -11.75 6.85 14.42
CA GLY E 173 -11.09 8.06 13.98
C GLY E 173 -9.65 7.77 13.56
N GLN E 174 -9.09 6.69 14.07
CA GLN E 174 -7.72 6.36 13.72
C GLN E 174 -7.67 5.41 12.53
N ILE E 175 -8.81 5.19 11.92
CA ILE E 175 -8.86 4.34 10.75
C ILE E 175 -9.19 5.26 9.59
N VAL E 176 -10.15 6.17 9.80
CA VAL E 176 -10.57 7.09 8.76
C VAL E 176 -9.81 8.41 8.79
N GLY E 177 -9.01 8.59 9.82
CA GLY E 177 -8.25 9.82 9.91
C GLY E 177 -9.11 11.06 10.03
N CYS E 178 -9.82 11.16 11.15
CA CYS E 178 -10.66 12.32 11.43
C CYS E 178 -10.67 12.37 12.95
N SER E 179 -11.24 13.42 13.54
CA SER E 179 -11.28 13.51 15.00
C SER E 179 -12.27 12.54 15.63
N ARG E 180 -12.12 12.32 16.94
CA ARG E 180 -13.03 11.41 17.66
C ARG E 180 -14.35 12.15 17.84
N GLU E 181 -14.28 13.46 17.93
CA GLU E 181 -15.51 14.23 18.11
C GLU E 181 -16.33 14.01 16.86
N THR E 182 -15.71 14.25 15.72
CA THR E 182 -16.42 14.10 14.46
C THR E 182 -17.02 12.70 14.28
N VAL E 183 -16.23 11.68 14.57
CA VAL E 183 -16.73 10.34 14.45
C VAL E 183 -18.05 10.30 15.21
N GLY E 184 -18.00 10.75 16.46
CA GLY E 184 -19.17 10.78 17.31
C GLY E 184 -20.41 11.41 16.69
N ARG E 185 -20.25 12.57 16.06
CA ARG E 185 -21.40 13.21 15.48
C ARG E 185 -21.87 12.36 14.33
N ILE E 186 -20.93 11.88 13.52
CA ILE E 186 -21.34 11.12 12.37
C ILE E 186 -22.06 9.85 12.78
N LEU E 187 -21.57 9.19 13.83
CA LEU E 187 -22.19 7.97 14.33
C LEU E 187 -23.67 8.25 14.63
N LYS E 188 -23.92 9.36 15.29
CA LYS E 188 -25.26 9.76 15.65
C LYS E 188 -26.17 9.97 14.42
N MET E 189 -25.61 10.47 13.32
CA MET E 189 -26.43 10.66 12.13
C MET E 189 -26.72 9.33 11.42
N LEU E 190 -25.75 8.42 11.38
CA LEU E 190 -26.00 7.14 10.74
C LEU E 190 -27.13 6.42 11.52
N GLU E 191 -27.23 6.70 12.82
CA GLU E 191 -28.29 6.05 13.57
C GLU E 191 -29.61 6.74 13.26
N ASP E 192 -29.59 8.05 13.07
CA ASP E 192 -30.83 8.76 12.73
C ASP E 192 -31.40 8.22 11.43
N GLN E 193 -30.54 7.63 10.61
CA GLN E 193 -30.96 7.06 9.32
C GLN E 193 -31.09 5.55 9.42
N ASN E 194 -31.36 5.08 10.63
CA ASN E 194 -31.52 3.65 10.88
C ASN E 194 -30.50 2.78 10.19
N LEU E 195 -29.25 3.22 10.12
CA LEU E 195 -28.24 2.41 9.45
C LEU E 195 -27.52 1.55 10.45
N ILE E 196 -27.32 2.10 11.64
CA ILE E 196 -26.63 1.40 12.69
C ILE E 196 -27.20 1.80 14.02
N SER E 197 -27.06 0.93 15.02
CA SER E 197 -27.52 1.23 16.37
C SER E 197 -26.25 1.29 17.19
N ALA E 198 -25.95 2.49 17.69
CA ALA E 198 -24.74 2.71 18.48
C ALA E 198 -25.02 2.85 19.97
N HIS E 199 -24.38 1.99 20.75
CA HIS E 199 -24.50 2.01 22.22
C HIS E 199 -23.14 1.75 22.83
N GLY E 200 -22.42 2.83 23.15
CA GLY E 200 -21.11 2.69 23.77
C GLY E 200 -20.15 2.14 22.75
N LYS E 201 -19.44 1.06 23.08
CA LYS E 201 -18.51 0.46 22.15
C LYS E 201 -19.21 -0.56 21.30
N THR E 202 -20.47 -0.81 21.61
CA THR E 202 -21.21 -1.80 20.84
C THR E 202 -21.92 -1.06 19.74
N ILE E 203 -21.69 -1.50 18.51
CA ILE E 203 -22.28 -0.88 17.36
C ILE E 203 -22.83 -2.01 16.50
N VAL E 204 -24.12 -1.99 16.22
CA VAL E 204 -24.68 -3.03 15.36
C VAL E 204 -24.86 -2.46 13.97
N VAL E 205 -24.33 -3.16 12.97
CA VAL E 205 -24.46 -2.70 11.61
C VAL E 205 -25.58 -3.53 11.00
N TYR E 206 -26.67 -2.85 10.71
CA TYR E 206 -27.86 -3.49 10.12
C TYR E 206 -27.57 -4.12 8.77
N GLY E 207 -28.01 -5.36 8.64
CA GLY E 207 -27.81 -6.11 7.41
C GLY E 207 -28.30 -5.36 6.18
N ASP F 8 21.36 -8.04 -15.67
CA ASP F 8 21.87 -9.22 -14.92
C ASP F 8 21.52 -10.51 -15.67
N PRO F 9 21.85 -11.68 -15.08
CA PRO F 9 21.55 -12.97 -15.73
C PRO F 9 20.06 -13.32 -15.77
N THR F 10 19.49 -13.59 -14.60
CA THR F 10 18.08 -13.95 -14.49
C THR F 10 17.11 -13.07 -15.27
N LEU F 11 17.01 -11.80 -14.90
CA LEU F 11 16.09 -10.88 -15.57
C LEU F 11 16.25 -10.94 -17.09
N GLU F 12 17.42 -11.38 -17.55
CA GLU F 12 17.65 -11.51 -18.98
C GLU F 12 16.82 -12.70 -19.41
N TRP F 13 17.05 -13.83 -18.74
CA TRP F 13 16.33 -15.07 -19.03
C TRP F 13 14.83 -14.81 -19.09
N PHE F 14 14.31 -14.07 -18.12
CA PHE F 14 12.90 -13.74 -18.06
C PHE F 14 12.41 -13.13 -19.38
N LEU F 15 13.00 -12.00 -19.75
CA LEU F 15 12.64 -11.28 -20.96
C LEU F 15 12.52 -12.23 -22.15
N SER F 16 13.34 -13.27 -22.14
CA SER F 16 13.36 -14.27 -23.20
C SER F 16 11.97 -14.84 -23.49
N HIS F 17 11.23 -15.15 -22.44
CA HIS F 17 9.92 -15.72 -22.60
C HIS F 17 8.83 -14.65 -22.68
N CYS F 18 9.24 -13.39 -22.70
CA CYS F 18 8.28 -12.29 -22.77
C CYS F 18 8.04 -11.78 -24.20
N HIS F 19 6.76 -11.70 -24.56
CA HIS F 19 6.33 -11.23 -25.87
C HIS F 19 6.42 -9.70 -25.87
N ILE F 20 7.64 -9.18 -25.88
CA ILE F 20 7.90 -7.75 -25.88
C ILE F 20 7.01 -6.93 -26.82
N HIS F 21 6.57 -5.75 -26.36
CA HIS F 21 5.71 -4.87 -27.15
C HIS F 21 6.16 -3.42 -27.14
N LYS F 22 5.29 -2.56 -27.68
CA LYS F 22 5.56 -1.14 -27.75
C LYS F 22 4.28 -0.35 -27.49
N TYR F 23 4.38 0.62 -26.59
CA TYR F 23 3.25 1.44 -26.25
C TYR F 23 3.63 2.92 -26.35
N PRO F 24 2.78 3.71 -27.02
CA PRO F 24 3.05 5.15 -27.18
C PRO F 24 2.63 5.87 -25.91
N SER F 25 3.07 7.11 -25.75
CA SER F 25 2.69 7.89 -24.57
C SER F 25 1.18 8.07 -24.56
N LYS F 26 0.65 8.56 -23.45
CA LYS F 26 -0.80 8.78 -23.31
C LYS F 26 -1.64 7.50 -23.47
N SER F 27 -1.02 6.42 -23.91
CA SER F 27 -1.76 5.17 -24.10
C SER F 27 -1.83 4.44 -22.77
N THR F 28 -2.95 3.78 -22.53
CA THR F 28 -3.15 3.03 -21.30
C THR F 28 -2.77 1.56 -21.48
N LEU F 29 -2.07 0.99 -20.51
CA LEU F 29 -1.69 -0.42 -20.60
C LEU F 29 -2.70 -1.29 -19.87
N ILE F 30 -3.17 -0.80 -18.72
CA ILE F 30 -4.13 -1.56 -17.93
C ILE F 30 -5.41 -0.77 -17.71
N HIS F 31 -6.53 -1.47 -17.79
CA HIS F 31 -7.84 -0.86 -17.57
C HIS F 31 -8.38 -1.38 -16.28
N GLN F 32 -8.52 -0.49 -15.31
CA GLN F 32 -9.04 -0.87 -14.01
C GLN F 32 -10.35 -1.65 -14.21
N GLY F 33 -10.49 -2.79 -13.55
CA GLY F 33 -11.72 -3.54 -13.66
C GLY F 33 -11.75 -4.75 -14.57
N GLU F 34 -10.83 -4.83 -15.52
CA GLU F 34 -10.76 -5.96 -16.41
C GLU F 34 -10.11 -7.17 -15.76
N LYS F 35 -10.32 -8.34 -16.36
CA LYS F 35 -9.72 -9.56 -15.85
C LYS F 35 -8.21 -9.42 -16.02
N ALA F 36 -7.44 -9.83 -15.02
CA ALA F 36 -6.00 -9.75 -15.13
C ALA F 36 -5.52 -11.17 -15.40
N GLU F 37 -4.70 -11.31 -16.45
CA GLU F 37 -4.15 -12.61 -16.82
C GLU F 37 -2.76 -12.41 -17.38
N THR F 38 -2.32 -11.15 -17.41
CA THR F 38 -1.04 -10.78 -17.96
C THR F 38 -0.15 -10.03 -16.97
N LEU F 39 1.15 -10.29 -17.04
CA LEU F 39 2.12 -9.64 -16.17
C LEU F 39 3.04 -8.85 -17.09
N TYR F 40 3.23 -7.58 -16.77
CA TYR F 40 4.08 -6.73 -17.59
C TYR F 40 5.43 -6.46 -16.96
N TYR F 41 6.30 -5.87 -17.77
CA TYR F 41 7.66 -5.50 -17.35
C TYR F 41 8.10 -4.39 -18.28
N ILE F 42 8.37 -3.22 -17.71
CA ILE F 42 8.80 -2.05 -18.47
C ILE F 42 10.27 -2.11 -18.83
N VAL F 43 10.54 -2.47 -20.09
CA VAL F 43 11.91 -2.56 -20.60
C VAL F 43 12.45 -1.15 -20.74
N LYS F 44 11.61 -0.26 -21.27
CA LYS F 44 11.98 1.14 -21.44
C LYS F 44 10.74 2.01 -21.45
N GLY F 45 10.87 3.17 -20.82
CA GLY F 45 9.77 4.10 -20.73
C GLY F 45 9.35 4.27 -19.28
N SER F 46 8.22 4.93 -19.08
CA SER F 46 7.71 5.16 -17.74
C SER F 46 6.20 5.26 -17.79
N VAL F 47 5.55 4.82 -16.72
CA VAL F 47 4.10 4.86 -16.66
C VAL F 47 3.65 5.45 -15.33
N ALA F 48 2.37 5.77 -15.26
CA ALA F 48 1.79 6.32 -14.05
C ALA F 48 0.65 5.38 -13.69
N VAL F 49 0.61 4.93 -12.44
CA VAL F 49 -0.47 4.07 -11.98
C VAL F 49 -1.46 5.06 -11.37
N LEU F 50 -2.71 5.03 -11.80
CA LEU F 50 -3.66 5.98 -11.26
C LEU F 50 -5.07 5.43 -11.07
N ILE F 51 -5.83 6.06 -10.19
CA ILE F 51 -7.20 5.61 -9.90
C ILE F 51 -8.14 6.77 -10.08
N LYS F 52 -9.42 6.49 -10.35
CA LYS F 52 -10.39 7.55 -10.55
C LYS F 52 -11.53 7.47 -9.56
N ASP F 53 -12.13 8.62 -9.28
CA ASP F 53 -13.26 8.67 -8.35
C ASP F 53 -14.49 8.30 -9.17
N GLU F 54 -15.67 8.47 -8.57
CA GLU F 54 -16.92 8.14 -9.24
C GLU F 54 -17.18 9.01 -10.45
N GLU F 55 -16.67 10.24 -10.44
CA GLU F 55 -16.89 11.19 -11.52
C GLU F 55 -15.68 11.57 -12.37
N GLY F 56 -14.67 10.70 -12.46
CA GLY F 56 -13.52 11.04 -13.28
C GLY F 56 -12.23 11.50 -12.63
N LYS F 57 -12.31 12.21 -11.50
CA LYS F 57 -11.11 12.67 -10.81
C LYS F 57 -10.02 11.59 -10.78
N GLU F 58 -8.77 11.99 -10.95
CA GLU F 58 -7.68 11.04 -10.93
C GLU F 58 -6.76 11.22 -9.71
N MET F 59 -6.08 10.15 -9.34
CA MET F 59 -5.17 10.17 -8.20
C MET F 59 -3.97 9.35 -8.64
N ILE F 60 -2.79 9.96 -8.68
CA ILE F 60 -1.62 9.21 -9.09
C ILE F 60 -1.10 8.43 -7.89
N LEU F 61 -1.26 7.11 -7.90
CA LEU F 61 -0.80 6.30 -6.79
C LEU F 61 0.70 6.24 -6.82
N SER F 62 1.22 6.01 -8.01
CA SER F 62 2.64 5.89 -8.16
C SER F 62 3.11 5.97 -9.59
N TYR F 63 4.36 6.34 -9.76
CA TYR F 63 4.97 6.37 -11.07
C TYR F 63 5.77 5.07 -11.05
N LEU F 64 5.76 4.33 -12.14
CA LEU F 64 6.55 3.10 -12.21
C LEU F 64 7.42 3.24 -13.45
N ASN F 65 8.73 3.13 -13.27
CA ASN F 65 9.62 3.30 -14.40
C ASN F 65 10.12 1.99 -15.00
N GLN F 66 11.35 2.04 -15.52
CA GLN F 66 12.00 0.90 -16.14
C GLN F 66 12.45 -0.06 -15.05
N GLY F 67 12.38 -1.36 -15.34
CA GLY F 67 12.78 -2.35 -14.35
C GLY F 67 11.66 -2.72 -13.39
N ASP F 68 10.53 -2.01 -13.47
CA ASP F 68 9.39 -2.29 -12.61
C ASP F 68 8.45 -3.27 -13.28
N PHE F 69 7.74 -4.08 -12.49
CA PHE F 69 6.77 -5.00 -13.08
C PHE F 69 5.43 -4.27 -13.04
N ILE F 70 4.47 -4.72 -13.85
CA ILE F 70 3.15 -4.10 -13.85
C ILE F 70 2.09 -5.18 -13.87
N GLY F 71 0.91 -4.87 -13.33
CA GLY F 71 -0.18 -5.83 -13.31
C GLY F 71 0.13 -7.13 -12.61
N GLU F 72 0.79 -7.06 -11.45
CA GLU F 72 1.12 -8.27 -10.71
C GLU F 72 0.19 -8.65 -9.57
N LEU F 73 -0.64 -7.71 -9.12
CA LEU F 73 -1.52 -8.03 -8.01
C LEU F 73 -2.57 -9.05 -8.41
N GLY F 74 -2.68 -9.28 -9.71
CA GLY F 74 -3.66 -10.23 -10.19
C GLY F 74 -3.09 -11.63 -10.28
N LEU F 75 -1.77 -11.72 -10.20
CA LEU F 75 -1.05 -12.99 -10.32
C LEU F 75 -1.28 -14.05 -9.26
N PHE F 76 -1.62 -13.65 -8.04
CA PHE F 76 -1.76 -14.64 -6.99
C PHE F 76 -3.12 -15.25 -6.72
N GLU F 77 -4.21 -14.53 -6.97
CA GLU F 77 -5.51 -15.12 -6.72
C GLU F 77 -6.28 -15.30 -8.03
N GLU F 78 -7.48 -15.85 -7.94
CA GLU F 78 -8.28 -16.09 -9.14
C GLU F 78 -9.49 -15.20 -9.25
N GLY F 79 -9.89 -14.98 -10.51
CA GLY F 79 -11.05 -14.15 -10.81
C GLY F 79 -10.85 -12.72 -10.35
N GLN F 80 -9.61 -12.25 -10.39
CA GLN F 80 -9.30 -10.91 -9.96
C GLN F 80 -9.33 -9.86 -11.07
N GLU F 81 -9.60 -8.61 -10.69
CA GLU F 81 -9.66 -7.51 -11.64
C GLU F 81 -8.53 -6.55 -11.43
N ARG F 82 -8.14 -5.86 -12.51
CA ARG F 82 -7.07 -4.88 -12.42
C ARG F 82 -7.47 -3.90 -11.32
N SER F 83 -6.52 -3.52 -10.47
CA SER F 83 -6.82 -2.63 -9.37
C SER F 83 -6.72 -1.14 -9.66
N ALA F 84 -6.16 -0.78 -10.81
CA ALA F 84 -6.04 0.62 -11.15
C ALA F 84 -5.68 0.78 -12.61
N TRP F 85 -5.73 2.01 -13.10
CA TRP F 85 -5.39 2.27 -14.48
C TRP F 85 -3.89 2.45 -14.56
N VAL F 86 -3.30 2.04 -15.67
CA VAL F 86 -1.88 2.22 -15.83
C VAL F 86 -1.68 2.83 -17.19
N ARG F 87 -1.33 4.12 -17.20
CA ARG F 87 -1.10 4.87 -18.43
C ARG F 87 0.39 5.10 -18.59
N ALA F 88 0.82 5.34 -19.82
CA ALA F 88 2.25 5.55 -20.06
C ALA F 88 2.60 7.04 -20.21
N LYS F 89 3.62 7.48 -19.48
CA LYS F 89 4.07 8.85 -19.58
C LYS F 89 4.79 8.94 -20.91
N THR F 90 6.08 8.59 -20.93
CA THR F 90 6.86 8.61 -22.15
C THR F 90 6.40 7.44 -23.02
N ALA F 91 7.16 7.12 -24.05
CA ALA F 91 6.82 6.00 -24.92
C ALA F 91 7.39 4.79 -24.20
N CYS F 92 6.68 3.68 -24.22
CA CYS F 92 7.16 2.51 -23.49
C CYS F 92 7.39 1.25 -24.29
N GLU F 93 8.42 0.52 -23.85
CA GLU F 93 8.81 -0.75 -24.43
C GLU F 93 8.48 -1.71 -23.28
N VAL F 94 7.31 -2.32 -23.37
CA VAL F 94 6.81 -3.21 -22.32
C VAL F 94 6.78 -4.70 -22.64
N ALA F 95 7.54 -5.48 -21.86
CA ALA F 95 7.56 -6.92 -22.03
C ALA F 95 6.33 -7.53 -21.38
N GLU F 96 5.53 -8.27 -22.15
CA GLU F 96 4.33 -8.93 -21.61
C GLU F 96 4.59 -10.43 -21.41
N ILE F 97 3.65 -11.10 -20.75
CA ILE F 97 3.73 -12.54 -20.47
C ILE F 97 2.55 -12.96 -19.62
N SER F 98 1.95 -14.10 -19.96
CA SER F 98 0.79 -14.58 -19.23
C SER F 98 1.14 -15.10 -17.85
N TYR F 99 0.19 -14.93 -16.93
CA TYR F 99 0.37 -15.43 -15.59
C TYR F 99 0.75 -16.90 -15.70
N LYS F 100 -0.05 -17.66 -16.45
CA LYS F 100 0.20 -19.09 -16.63
C LYS F 100 1.64 -19.38 -17.04
N LYS F 101 2.12 -18.72 -18.09
CA LYS F 101 3.48 -18.98 -18.52
C LYS F 101 4.44 -18.50 -17.45
N PHE F 102 4.11 -17.36 -16.83
CA PHE F 102 4.96 -16.81 -15.78
C PHE F 102 5.07 -17.77 -14.60
N ARG F 103 3.93 -18.20 -14.08
CA ARG F 103 3.94 -19.11 -12.94
C ARG F 103 4.98 -20.18 -13.20
N GLN F 104 4.99 -20.72 -14.41
CA GLN F 104 5.93 -21.76 -14.77
C GLN F 104 7.36 -21.26 -14.64
N LEU F 105 7.65 -20.11 -15.24
CA LEU F 105 9.01 -19.55 -15.17
C LEU F 105 9.51 -19.61 -13.75
N ILE F 106 8.63 -19.32 -12.80
CA ILE F 106 9.00 -19.35 -11.39
C ILE F 106 9.42 -20.75 -11.01
N GLN F 107 8.60 -21.73 -11.33
CA GLN F 107 8.89 -23.13 -11.00
C GLN F 107 10.36 -23.49 -11.15
N VAL F 108 10.90 -23.24 -12.34
CA VAL F 108 12.30 -23.59 -12.62
C VAL F 108 13.33 -22.56 -12.16
N ASN F 109 12.90 -21.61 -11.31
CA ASN F 109 13.80 -20.58 -10.78
C ASN F 109 13.05 -19.51 -9.99
N PRO F 110 12.80 -19.78 -8.70
CA PRO F 110 12.09 -18.82 -7.85
C PRO F 110 12.74 -17.45 -7.66
N ASP F 111 13.96 -17.27 -8.15
CA ASP F 111 14.61 -15.97 -7.98
C ASP F 111 13.88 -14.82 -8.68
N ILE F 112 13.20 -15.12 -9.78
CA ILE F 112 12.47 -14.08 -10.51
C ILE F 112 11.29 -13.66 -9.64
N LEU F 113 10.66 -14.63 -8.99
CA LEU F 113 9.54 -14.36 -8.12
C LEU F 113 9.99 -13.55 -6.91
N MET F 114 11.25 -13.71 -6.54
CA MET F 114 11.80 -12.96 -5.43
C MET F 114 11.82 -11.51 -5.89
N ARG F 115 12.45 -11.25 -7.02
CA ARG F 115 12.54 -9.90 -7.57
C ARG F 115 11.19 -9.17 -7.51
N LEU F 116 10.16 -9.81 -8.06
CA LEU F 116 8.82 -9.23 -8.11
C LEU F 116 8.38 -8.84 -6.71
N SER F 117 8.48 -9.79 -5.79
CA SER F 117 8.10 -9.59 -4.40
C SER F 117 8.86 -8.44 -3.74
N ALA F 118 10.12 -8.28 -4.09
CA ALA F 118 10.91 -7.18 -3.55
C ALA F 118 10.21 -5.90 -3.99
N GLN F 119 9.86 -5.86 -5.27
CA GLN F 119 9.20 -4.71 -5.81
C GLN F 119 7.83 -4.51 -5.21
N MET F 120 7.21 -5.58 -4.73
CA MET F 120 5.90 -5.41 -4.14
C MET F 120 6.12 -4.77 -2.79
N ALA F 121 7.09 -5.29 -2.05
CA ALA F 121 7.40 -4.75 -0.74
C ALA F 121 7.64 -3.24 -0.75
N ARG F 122 8.44 -2.74 -1.69
CA ARG F 122 8.71 -1.31 -1.71
C ARG F 122 7.43 -0.55 -2.04
N ARG F 123 6.60 -1.12 -2.91
CA ARG F 123 5.33 -0.47 -3.25
C ARG F 123 4.37 -0.44 -2.05
N LEU F 124 4.52 -1.39 -1.14
CA LEU F 124 3.68 -1.40 0.03
C LEU F 124 4.10 -0.24 0.96
N GLN F 125 5.38 -0.22 1.30
CA GLN F 125 5.95 0.82 2.16
C GLN F 125 5.52 2.19 1.64
N VAL F 126 5.87 2.46 0.39
CA VAL F 126 5.56 3.73 -0.22
C VAL F 126 4.07 4.05 -0.12
N THR F 127 3.21 3.15 -0.60
CA THR F 127 1.79 3.42 -0.55
C THR F 127 1.38 3.66 0.90
N SER F 128 1.95 2.91 1.82
CA SER F 128 1.63 3.09 3.23
C SER F 128 2.02 4.49 3.69
N GLU F 129 3.24 4.90 3.36
CA GLU F 129 3.75 6.22 3.73
C GLU F 129 2.88 7.28 3.06
N LYS F 130 2.24 6.93 1.95
CA LYS F 130 1.37 7.88 1.27
C LYS F 130 0.11 8.05 2.12
N VAL F 131 -0.32 6.99 2.80
CA VAL F 131 -1.50 7.05 3.64
C VAL F 131 -1.18 7.95 4.83
N GLY F 132 0.01 7.78 5.39
CA GLY F 132 0.40 8.60 6.51
C GLY F 132 0.24 10.05 6.11
N ASN F 133 0.94 10.41 5.03
CA ASN F 133 0.91 11.77 4.48
C ASN F 133 -0.49 12.33 4.33
N LEU F 134 -1.38 11.54 3.75
CA LEU F 134 -2.74 12.01 3.55
C LEU F 134 -3.51 12.22 4.85
N ALA F 135 -3.13 11.49 5.88
CA ALA F 135 -3.83 11.58 7.16
C ALA F 135 -3.17 12.51 8.17
N PHE F 136 -1.85 12.62 8.10
CA PHE F 136 -1.09 13.45 9.03
C PHE F 136 -0.68 14.84 8.52
N LEU F 137 -0.58 15.03 7.22
CA LEU F 137 -0.15 16.31 6.72
C LEU F 137 -1.21 17.16 6.05
N ASP F 138 -0.93 18.45 6.01
CA ASP F 138 -1.78 19.46 5.37
C ASP F 138 -1.28 19.50 3.93
N VAL F 139 -1.94 20.24 3.06
CA VAL F 139 -1.49 20.27 1.69
C VAL F 139 0.00 20.61 1.63
N THR F 140 0.37 21.79 2.11
CA THR F 140 1.79 22.17 2.09
C THR F 140 2.72 21.00 2.35
N GLY F 141 2.54 20.31 3.47
CA GLY F 141 3.39 19.19 3.79
C GLY F 141 3.38 18.14 2.71
N ARG F 142 2.18 17.87 2.19
CA ARG F 142 2.03 16.87 1.14
C ARG F 142 2.80 17.30 -0.11
N ILE F 143 2.52 18.51 -0.57
CA ILE F 143 3.19 19.06 -1.74
C ILE F 143 4.70 19.06 -1.48
N ALA F 144 5.11 19.47 -0.29
CA ALA F 144 6.52 19.45 0.02
C ALA F 144 7.04 18.06 -0.27
N GLN F 145 6.60 17.11 0.55
CA GLN F 145 6.99 15.70 0.46
C GLN F 145 7.02 15.14 -0.97
N THR F 146 6.00 15.45 -1.76
CA THR F 146 5.97 14.96 -3.13
C THR F 146 7.17 15.50 -3.88
N LEU F 147 7.44 16.78 -3.72
CA LEU F 147 8.56 17.40 -4.41
C LEU F 147 9.84 16.62 -4.18
N LEU F 148 10.17 16.35 -2.91
CA LEU F 148 11.38 15.59 -2.62
C LEU F 148 11.34 14.30 -3.43
N ASN F 149 10.22 13.58 -3.33
CA ASN F 149 10.04 12.33 -4.04
C ASN F 149 10.18 12.46 -5.55
N LEU F 150 9.49 13.42 -6.14
CA LEU F 150 9.58 13.60 -7.58
C LEU F 150 11.03 13.80 -7.98
N ALA F 151 11.82 14.34 -7.05
CA ALA F 151 13.25 14.58 -7.28
C ALA F 151 14.00 13.28 -7.04
N LYS F 152 13.36 12.15 -7.35
CA LYS F 152 13.97 10.86 -7.18
C LYS F 152 13.67 10.02 -8.40
N GLN F 153 12.62 10.37 -9.13
CA GLN F 153 12.29 9.60 -10.32
C GLN F 153 13.42 9.73 -11.33
N PRO F 154 13.64 8.70 -12.16
CA PRO F 154 14.72 8.76 -13.15
C PRO F 154 14.58 9.90 -14.17
N ASP F 155 13.35 10.28 -14.48
CA ASP F 155 13.12 11.36 -15.43
C ASP F 155 13.50 12.71 -14.84
N ALA F 156 14.32 12.68 -13.80
CA ALA F 156 14.74 13.91 -13.13
C ALA F 156 16.21 14.23 -13.28
N MET F 157 16.48 15.47 -13.71
CA MET F 157 17.83 15.96 -13.90
C MET F 157 18.45 16.37 -12.57
N THR F 158 19.73 16.70 -12.60
CA THR F 158 20.45 17.10 -11.39
C THR F 158 20.86 18.58 -11.46
N HIS F 159 20.46 19.33 -10.45
CA HIS F 159 20.78 20.75 -10.40
C HIS F 159 21.92 20.95 -9.39
N PRO F 160 22.54 22.13 -9.39
CA PRO F 160 23.64 22.39 -8.44
C PRO F 160 23.17 22.79 -7.06
N ASP F 161 21.88 23.03 -6.90
CA ASP F 161 21.33 23.41 -5.59
C ASP F 161 20.65 22.23 -4.90
N GLY F 162 19.91 21.44 -5.68
CA GLY F 162 19.23 20.27 -5.16
C GLY F 162 18.98 19.28 -6.28
N MET F 163 17.91 19.51 -7.03
CA MET F 163 17.56 18.65 -8.15
C MET F 163 16.56 19.46 -8.99
N GLN F 164 16.22 18.96 -10.17
CA GLN F 164 15.32 19.69 -11.06
C GLN F 164 14.37 18.78 -11.82
N ILE F 165 13.09 19.11 -11.82
CA ILE F 165 12.12 18.30 -12.52
C ILE F 165 11.11 19.12 -13.29
N LYS F 166 10.33 18.43 -14.12
CA LYS F 166 9.30 19.02 -14.95
C LYS F 166 7.95 18.38 -14.69
N ILE F 167 7.05 19.14 -14.06
CA ILE F 167 5.73 18.62 -13.78
C ILE F 167 4.72 19.74 -13.66
N THR F 168 3.60 19.60 -14.36
CA THR F 168 2.56 20.61 -14.32
C THR F 168 2.04 20.74 -12.89
N ARG F 169 1.45 21.89 -12.55
CA ARG F 169 0.90 22.07 -11.22
C ARG F 169 -0.33 21.18 -11.13
N GLN F 170 -0.84 20.79 -12.30
CA GLN F 170 -2.01 19.95 -12.39
C GLN F 170 -1.63 18.60 -11.82
N GLU F 171 -0.59 18.01 -12.38
CA GLU F 171 -0.11 16.72 -11.93
C GLU F 171 0.02 16.68 -10.41
N ILE F 172 0.87 17.54 -9.86
CA ILE F 172 1.06 17.60 -8.43
C ILE F 172 -0.26 17.61 -7.69
N GLY F 173 -1.21 18.40 -8.17
CA GLY F 173 -2.51 18.42 -7.54
C GLY F 173 -3.09 17.01 -7.49
N GLN F 174 -2.75 16.20 -8.49
CA GLN F 174 -3.27 14.84 -8.58
C GLN F 174 -2.48 13.80 -7.77
N ILE F 175 -1.29 14.17 -7.34
CA ILE F 175 -0.49 13.25 -6.56
C ILE F 175 -0.71 13.45 -5.07
N VAL F 176 -0.93 14.69 -4.65
CA VAL F 176 -1.15 14.99 -3.24
C VAL F 176 -2.64 15.01 -2.93
N GLY F 177 -3.44 15.23 -3.96
CA GLY F 177 -4.89 15.26 -3.79
C GLY F 177 -5.45 16.62 -3.39
N CYS F 178 -5.21 17.63 -4.21
CA CYS F 178 -5.73 18.96 -3.94
C CYS F 178 -5.84 19.70 -5.26
N SER F 179 -6.53 20.83 -5.25
CA SER F 179 -6.73 21.62 -6.46
C SER F 179 -5.50 22.25 -7.12
N ARG F 180 -5.63 22.52 -8.42
CA ARG F 180 -4.58 23.15 -9.22
C ARG F 180 -4.24 24.49 -8.59
N GLU F 181 -5.25 25.18 -8.09
CA GLU F 181 -5.06 26.47 -7.44
C GLU F 181 -4.15 26.28 -6.24
N THR F 182 -4.68 25.60 -5.22
CA THR F 182 -3.91 25.36 -4.01
C THR F 182 -2.47 25.02 -4.32
N VAL F 183 -2.24 24.17 -5.32
CA VAL F 183 -0.87 23.81 -5.62
C VAL F 183 0.00 25.02 -5.97
N GLY F 184 -0.56 25.96 -6.73
CA GLY F 184 0.18 27.15 -7.09
C GLY F 184 0.34 28.08 -5.90
N ARG F 185 -0.76 28.37 -5.23
CA ARG F 185 -0.72 29.24 -4.07
C ARG F 185 0.41 28.81 -3.16
N ILE F 186 0.34 27.57 -2.69
CA ILE F 186 1.37 27.05 -1.80
C ILE F 186 2.74 26.99 -2.49
N LEU F 187 2.75 26.84 -3.81
CA LEU F 187 4.00 26.77 -4.53
C LEU F 187 4.73 28.11 -4.40
N LYS F 188 4.00 29.19 -4.70
CA LYS F 188 4.56 30.53 -4.59
C LYS F 188 5.08 30.72 -3.17
N MET F 189 4.21 30.52 -2.18
CA MET F 189 4.61 30.67 -0.80
C MET F 189 5.97 29.98 -0.59
N LEU F 190 6.16 28.85 -1.29
CA LEU F 190 7.41 28.12 -1.17
C LEU F 190 8.57 28.92 -1.76
N GLU F 191 8.37 29.45 -2.95
CA GLU F 191 9.40 30.27 -3.58
C GLU F 191 9.67 31.44 -2.63
N ASP F 192 8.60 32.10 -2.19
CA ASP F 192 8.71 33.24 -1.28
C ASP F 192 9.62 32.91 -0.12
N GLN F 193 9.24 31.89 0.66
CA GLN F 193 10.01 31.46 1.82
C GLN F 193 11.28 30.77 1.37
N ASN F 194 11.74 31.16 0.19
CA ASN F 194 12.94 30.61 -0.44
C ASN F 194 13.25 29.20 0.02
N LEU F 195 12.68 28.23 -0.67
CA LEU F 195 12.89 26.84 -0.36
C LEU F 195 12.92 26.07 -1.66
N ILE F 196 12.37 26.68 -2.70
CA ILE F 196 12.35 26.07 -4.02
C ILE F 196 12.54 27.11 -5.10
N SER F 197 12.56 26.65 -6.35
CA SER F 197 12.73 27.51 -7.51
C SER F 197 11.76 27.05 -8.57
N ALA F 198 10.76 27.88 -8.86
CA ALA F 198 9.77 27.52 -9.86
C ALA F 198 9.75 28.49 -11.03
N HIS F 199 8.99 28.14 -12.07
CA HIS F 199 8.83 28.94 -13.30
C HIS F 199 8.13 28.11 -14.38
N GLY F 200 6.86 28.43 -14.62
CA GLY F 200 6.07 27.75 -15.65
C GLY F 200 5.71 26.30 -15.36
N LYS F 201 6.68 25.42 -15.55
CA LYS F 201 6.49 24.00 -15.31
C LYS F 201 7.83 23.36 -15.00
N THR F 202 8.74 24.14 -14.42
CA THR F 202 10.07 23.66 -14.05
C THR F 202 10.34 23.96 -12.59
N ILE F 203 11.00 23.03 -11.90
CA ILE F 203 11.27 23.25 -10.49
C ILE F 203 12.63 22.74 -10.02
N VAL F 204 13.18 23.46 -9.06
CA VAL F 204 14.46 23.15 -8.47
C VAL F 204 14.26 23.09 -6.96
N VAL F 205 14.51 21.91 -6.40
CA VAL F 205 14.35 21.72 -4.96
C VAL F 205 15.69 21.91 -4.29
N TYR F 206 15.73 22.77 -3.28
CA TYR F 206 17.00 23.04 -2.59
C TYR F 206 17.40 22.03 -1.53
N GLY F 207 18.62 21.52 -1.66
CA GLY F 207 19.16 20.55 -0.73
C GLY F 207 20.57 20.89 -0.27
#